data_9DQQ
#
_entry.id   9DQQ
#
_cell.length_a   96.871
_cell.length_b   43.616
_cell.length_c   126.201
_cell.angle_alpha   90.000
_cell.angle_beta   106.949
_cell.angle_gamma   90.000
#
_symmetry.space_group_name_H-M   'C 1 2 1'
#
loop_
_entity.id
_entity.type
_entity.pdbx_description
1 polymer '2OG-Fe dioxygenase family protein'
2 non-polymer '2-OXOGLUTARIC ACID'
3 non-polymer 'FE (III) ION'
4 water water
#
_entity_poly.entity_id   1
_entity_poly.type   'polypeptide(L)'
_entity_poly.pdbx_seq_one_letter_code
;MQTEAREELRANGYSLLPADRLVIDAELRQHVKELAAEWENLETDRYLKGGSRFRERAYDRFFFVPRTGEVRLRPHRPYF
QSMNANDYAGGIDRDVAPLSRTTLANPLLTRLLRADFENFPVPEESWLDDPWDVQCHQFRIISTPDETGEPTPEGPHRDE
VDFGVIHLMGRFNAAGGESQVYSLERELVAEFCLTEQMDTMFWSDGQILHAVRPIHPVDPTKAAVRDVLIMGYKHEPELR
REEQGAAHHHHHH
;
_entity_poly.pdbx_strand_id   A,B
#
# COMPACT_ATOMS: atom_id res chain seq x y z
N GLN A 2 10.80 -3.79 -18.71
CA GLN A 2 10.47 -2.42 -19.12
C GLN A 2 9.23 -2.30 -20.01
N THR A 3 9.08 -3.24 -20.96
CA THR A 3 7.89 -3.24 -21.82
C THR A 3 6.61 -3.33 -20.98
N GLU A 4 6.58 -4.27 -20.03
CA GLU A 4 5.41 -4.38 -19.16
C GLU A 4 5.19 -3.10 -18.39
N ALA A 5 6.28 -2.52 -17.86
CA ALA A 5 6.17 -1.26 -17.13
C ALA A 5 5.61 -0.15 -18.02
N ARG A 6 6.03 -0.11 -19.29
CA ARG A 6 5.51 0.91 -20.21
C ARG A 6 4.01 0.77 -20.41
N GLU A 7 3.55 -0.43 -20.78
CA GLU A 7 2.12 -0.64 -20.98
C GLU A 7 1.36 -0.38 -19.68
N GLU A 8 1.89 -0.89 -18.56
CA GLU A 8 1.29 -0.62 -17.25
C GLU A 8 1.15 0.88 -17.00
N LEU A 9 2.16 1.67 -17.37
CA LEU A 9 2.01 3.11 -17.21
C LEU A 9 0.93 3.64 -18.14
N ARG A 10 0.81 3.06 -19.35
CA ARG A 10 -0.19 3.56 -20.29
C ARG A 10 -1.60 3.22 -19.84
N ALA A 11 -1.84 1.96 -19.47
CA ALA A 11 -3.15 1.57 -18.96
C ALA A 11 -3.45 2.23 -17.62
N ASN A 12 -2.60 2.02 -16.60
CA ASN A 12 -2.92 2.35 -15.21
C ASN A 12 -2.26 3.60 -14.70
N GLY A 13 -1.22 4.12 -15.36
CA GLY A 13 -0.57 5.33 -14.90
C GLY A 13 0.48 5.13 -13.82
N TYR A 14 0.80 3.87 -13.49
CA TYR A 14 1.83 3.55 -12.51
C TYR A 14 2.22 2.09 -12.75
N SER A 15 3.37 1.71 -12.21
CA SER A 15 3.86 0.33 -12.33
C SER A 15 4.76 0.04 -11.14
N LEU A 16 4.72 -1.20 -10.66
CA LEU A 16 5.44 -1.58 -9.45
C LEU A 16 6.57 -2.54 -9.79
N LEU A 17 7.67 -2.41 -9.08
CA LEU A 17 8.83 -3.26 -9.26
C LEU A 17 9.44 -3.54 -7.88
N PRO A 18 8.96 -4.59 -7.22
CA PRO A 18 9.55 -4.93 -5.91
C PRO A 18 11.01 -5.30 -6.09
N ALA A 19 11.79 -5.03 -5.05
CA ALA A 19 13.19 -5.46 -5.09
C ALA A 19 13.34 -6.97 -5.29
N ASP A 20 12.35 -7.77 -4.86
CA ASP A 20 12.43 -9.22 -5.02
C ASP A 20 12.58 -9.60 -6.49
N ARG A 21 11.82 -8.96 -7.38
CA ARG A 21 11.95 -9.11 -8.83
C ARG A 21 13.26 -8.54 -9.39
N LEU A 22 14.25 -8.10 -8.61
CA LEU A 22 15.53 -7.69 -9.16
C LEU A 22 16.59 -8.69 -8.74
N VAL A 23 17.65 -8.78 -9.54
CA VAL A 23 18.81 -9.59 -9.18
C VAL A 23 19.91 -8.65 -8.75
N ILE A 24 20.16 -8.58 -7.44
CA ILE A 24 21.17 -7.69 -6.87
C ILE A 24 22.42 -8.50 -6.63
N ASP A 25 23.45 -8.29 -7.47
CA ASP A 25 24.73 -8.93 -7.27
C ASP A 25 25.48 -8.24 -6.12
N ALA A 26 26.67 -8.74 -5.82
CA ALA A 26 27.47 -8.17 -4.74
C ALA A 26 27.79 -6.71 -5.01
N GLU A 27 28.26 -6.42 -6.23
CA GLU A 27 28.65 -5.06 -6.58
C GLU A 27 27.49 -4.09 -6.44
N LEU A 28 26.32 -4.49 -6.94
CA LEU A 28 25.17 -3.59 -6.92
C LEU A 28 24.67 -3.41 -5.49
N ARG A 29 24.42 -4.52 -4.79
CA ARG A 29 24.03 -4.54 -3.39
C ARG A 29 24.91 -3.62 -2.56
N GLN A 30 26.20 -3.59 -2.88
CA GLN A 30 27.09 -2.72 -2.15
C GLN A 30 26.82 -1.25 -2.49
N HIS A 31 26.69 -0.94 -3.78
CA HIS A 31 26.43 0.46 -4.15
C HIS A 31 25.08 0.94 -3.61
N VAL A 32 24.11 0.02 -3.52
CA VAL A 32 22.85 0.34 -2.86
C VAL A 32 23.07 0.73 -1.41
N LYS A 33 23.91 -0.04 -0.70
CA LYS A 33 24.12 0.25 0.72
C LYS A 33 24.83 1.58 0.90
N GLU A 34 25.81 1.87 0.03
CA GLU A 34 26.46 3.17 0.03
C GLU A 34 25.45 4.27 -0.22
N LEU A 35 24.53 4.05 -1.18
CA LEU A 35 23.55 5.06 -1.51
C LEU A 35 22.59 5.30 -0.36
N ALA A 36 22.10 4.22 0.26
CA ALA A 36 21.13 4.35 1.36
C ALA A 36 21.77 5.05 2.56
N ALA A 37 23.05 4.79 2.82
CA ALA A 37 23.73 5.37 3.97
C ALA A 37 23.77 6.89 3.91
N GLU A 38 23.83 7.45 2.71
CA GLU A 38 23.70 8.90 2.53
C GLU A 38 22.51 9.49 3.27
N TRP A 39 21.44 8.72 3.47
CA TRP A 39 20.27 9.29 4.13
C TRP A 39 20.50 9.53 5.61
N GLU A 40 21.55 8.93 6.17
CA GLU A 40 21.92 9.21 7.55
C GLU A 40 22.60 10.56 7.71
N ASN A 41 22.86 11.29 6.62
CA ASN A 41 23.64 12.52 6.68
C ASN A 41 23.01 13.72 6.00
N LEU A 42 21.70 13.71 5.85
CA LEU A 42 21.02 14.86 5.29
C LEU A 42 20.88 15.96 6.32
N GLU A 43 20.65 17.20 5.85
CA GLU A 43 20.55 18.35 6.74
C GLU A 43 19.25 18.33 7.55
N THR A 44 19.34 18.73 8.82
CA THR A 44 18.26 18.60 9.80
C THR A 44 17.07 19.51 9.51
N ASP A 45 17.23 20.52 8.67
CA ASP A 45 16.11 21.39 8.37
C ASP A 45 15.20 20.74 7.33
N ARG A 53 6.29 16.62 10.65
CA ARG A 53 6.97 16.57 11.93
C ARG A 53 8.46 16.87 11.73
N PHE A 54 9.15 15.98 11.01
CA PHE A 54 10.56 16.16 10.66
C PHE A 54 10.75 15.68 9.22
N ARG A 55 11.44 16.49 8.41
CA ARG A 55 11.71 16.14 7.03
C ARG A 55 13.12 16.62 6.68
N GLU A 56 14.01 15.68 6.40
CA GLU A 56 15.37 15.98 5.99
C GLU A 56 15.49 15.72 4.50
N ARG A 57 16.17 16.61 3.78
CA ARG A 57 16.18 16.44 2.33
C ARG A 57 17.47 16.95 1.71
N ALA A 58 17.73 16.46 0.50
CA ALA A 58 18.70 17.03 -0.42
C ALA A 58 18.12 16.93 -1.82
N TYR A 59 18.69 17.70 -2.75
CA TYR A 59 18.04 17.87 -4.05
C TYR A 59 19.05 18.34 -5.08
N ASP A 60 18.87 17.89 -6.32
CA ASP A 60 19.60 18.48 -7.44
C ASP A 60 18.84 18.16 -8.74
N ARG A 61 19.14 18.93 -9.78
CA ARG A 61 18.57 18.73 -11.10
C ARG A 61 19.67 18.28 -12.05
N PHE A 62 19.30 17.37 -12.95
CA PHE A 62 20.25 16.87 -13.93
C PHE A 62 19.72 17.18 -15.32
N PHE A 63 20.61 17.64 -16.17
CA PHE A 63 20.42 17.67 -17.60
C PHE A 63 20.62 16.26 -18.12
N PHE A 64 19.69 15.77 -18.93
CA PHE A 64 19.71 14.37 -19.36
C PHE A 64 19.26 14.26 -20.80
N VAL A 65 20.06 13.60 -21.63
CA VAL A 65 19.70 13.31 -23.01
C VAL A 65 19.61 11.80 -23.17
N PRO A 66 18.40 11.24 -23.24
CA PRO A 66 18.27 9.77 -23.21
C PRO A 66 19.04 9.06 -24.32
N ARG A 67 19.06 9.60 -25.55
CA ARG A 67 19.74 8.93 -26.65
C ARG A 67 21.21 8.63 -26.34
N THR A 68 21.95 9.62 -25.84
CA THR A 68 23.37 9.42 -25.59
C THR A 68 23.68 8.95 -24.17
N GLY A 69 22.71 9.03 -23.26
CA GLY A 69 22.96 8.73 -21.87
C GLY A 69 23.65 9.85 -21.11
N GLU A 70 23.82 11.01 -21.74
CA GLU A 70 24.52 12.11 -21.11
C GLU A 70 23.73 12.61 -19.90
N VAL A 71 24.41 12.72 -18.77
CA VAL A 71 23.84 13.33 -17.58
C VAL A 71 24.80 14.42 -17.13
N ARG A 72 24.31 15.65 -16.99
CA ARG A 72 25.09 16.74 -16.43
C ARG A 72 24.43 17.27 -15.17
N LEU A 73 25.23 17.51 -14.14
CA LEU A 73 24.71 18.10 -12.92
C LEU A 73 24.49 19.59 -13.14
N ARG A 74 23.22 20.01 -13.10
CA ARG A 74 22.89 21.42 -13.26
C ARG A 74 23.33 22.19 -12.01
N PRO A 75 23.72 23.46 -12.17
CA PRO A 75 24.16 24.24 -11.00
C PRO A 75 23.03 24.41 -10.00
N HIS A 76 23.37 24.38 -8.73
CA HIS A 76 22.33 24.47 -7.70
C HIS A 76 21.86 25.93 -7.53
N ARG A 77 20.71 26.25 -8.09
CA ARG A 77 20.12 27.58 -8.01
C ARG A 77 19.92 27.99 -6.54
N PRO A 78 20.58 29.03 -6.06
CA PRO A 78 20.43 29.40 -4.66
C PRO A 78 19.00 29.84 -4.34
N TYR A 79 18.57 29.51 -3.12
CA TYR A 79 17.24 29.89 -2.67
C TYR A 79 17.05 31.40 -2.69
N PHE A 80 18.04 32.16 -2.18
CA PHE A 80 17.95 33.62 -2.20
C PHE A 80 17.76 34.17 -3.60
N GLN A 81 18.23 33.46 -4.62
CA GLN A 81 18.05 33.94 -5.98
C GLN A 81 16.61 33.70 -6.45
N SER A 82 16.11 32.48 -6.23
CA SER A 82 14.75 32.13 -6.67
C SER A 82 13.72 32.99 -5.96
N MET A 83 13.81 33.07 -4.63
CA MET A 83 12.84 33.82 -3.85
C MET A 83 12.79 35.28 -4.27
N ASN A 84 13.96 35.93 -4.33
CA ASN A 84 14.01 37.34 -4.67
C ASN A 84 13.65 37.60 -6.13
N ALA A 85 13.79 36.60 -6.99
CA ALA A 85 13.35 36.73 -8.38
C ALA A 85 11.89 36.41 -8.58
N ASN A 86 11.26 35.69 -7.63
CA ASN A 86 9.94 35.09 -7.81
C ASN A 86 9.92 34.18 -9.05
N ASP A 87 11.01 33.42 -9.22
CA ASP A 87 11.23 32.60 -10.40
C ASP A 87 12.09 31.42 -9.97
N TYR A 88 11.46 30.26 -9.80
CA TYR A 88 12.15 29.04 -9.38
C TYR A 88 12.62 28.17 -10.53
N ALA A 89 12.52 28.67 -11.77
CA ALA A 89 13.14 28.06 -12.96
C ALA A 89 12.69 26.62 -13.19
N GLY A 90 11.44 26.31 -12.82
CA GLY A 90 10.94 24.96 -12.90
C GLY A 90 11.17 24.11 -11.66
N GLY A 91 12.22 24.40 -10.89
CA GLY A 91 12.57 23.61 -9.73
C GLY A 91 11.63 23.82 -8.55
N ILE A 92 11.97 23.18 -7.44
CA ILE A 92 11.18 23.28 -6.22
C ILE A 92 11.31 24.68 -5.62
N ASP A 93 10.27 25.12 -4.91
CA ASP A 93 10.25 26.43 -4.26
C ASP A 93 10.59 26.36 -2.79
N ARG A 94 11.55 25.49 -2.41
CA ARG A 94 12.00 25.36 -1.05
C ARG A 94 13.52 25.48 -0.99
N ASP A 95 14.00 25.69 0.23
CA ASP A 95 15.43 25.83 0.49
C ASP A 95 15.97 24.45 0.86
N VAL A 96 16.71 23.84 -0.06
CA VAL A 96 17.22 22.48 0.13
C VAL A 96 18.72 22.44 -0.18
N ALA A 97 19.44 21.62 0.57
CA ALA A 97 20.85 21.43 0.39
C ALA A 97 21.12 20.58 -0.85
N PRO A 98 22.35 20.63 -1.37
CA PRO A 98 22.71 19.82 -2.54
C PRO A 98 22.87 18.35 -2.17
N LEU A 99 22.86 17.49 -3.19
CA LEU A 99 23.29 16.12 -2.99
C LEU A 99 24.77 16.08 -2.56
N SER A 100 25.08 15.17 -1.64
CA SER A 100 26.44 15.09 -1.14
C SER A 100 27.38 14.64 -2.25
N ARG A 101 28.69 14.84 -2.04
CA ARG A 101 29.68 14.42 -3.02
C ARG A 101 29.73 12.90 -3.14
N THR A 102 29.48 12.18 -2.05
CA THR A 102 29.50 10.73 -2.16
C THR A 102 28.18 10.17 -2.68
N THR A 103 27.11 10.96 -2.68
CA THR A 103 25.95 10.58 -3.49
C THR A 103 26.29 10.70 -4.97
N LEU A 104 26.85 11.83 -5.38
CA LEU A 104 27.15 12.07 -6.80
C LEU A 104 28.22 11.13 -7.33
N ALA A 105 29.14 10.68 -6.48
CA ALA A 105 30.19 9.79 -6.94
C ALA A 105 29.74 8.35 -7.04
N ASN A 106 28.62 8.01 -6.40
CA ASN A 106 28.13 6.65 -6.49
C ASN A 106 27.63 6.41 -7.90
N PRO A 107 28.16 5.45 -8.62
CA PRO A 107 27.65 5.17 -9.98
C PRO A 107 26.19 4.68 -10.01
N LEU A 108 25.69 4.11 -8.90
CA LEU A 108 24.29 3.71 -8.85
C LEU A 108 23.35 4.87 -9.13
N LEU A 109 23.73 6.10 -8.77
CA LEU A 109 22.84 7.23 -9.02
C LEU A 109 22.68 7.44 -10.52
N THR A 110 23.79 7.50 -11.25
CA THR A 110 23.73 7.65 -12.70
C THR A 110 23.01 6.48 -13.34
N ARG A 111 23.25 5.26 -12.84
CA ARG A 111 22.62 4.06 -13.39
C ARG A 111 21.11 4.09 -13.20
N LEU A 112 20.64 4.38 -11.98
CA LEU A 112 19.21 4.50 -11.73
C LEU A 112 18.59 5.54 -12.64
N LEU A 113 19.22 6.71 -12.73
CA LEU A 113 18.67 7.78 -13.55
C LEU A 113 18.50 7.34 -14.99
N ARG A 114 19.49 6.64 -15.55
CA ARG A 114 19.39 6.18 -16.92
C ARG A 114 18.42 5.01 -17.06
N ALA A 115 18.57 3.99 -16.20
CA ALA A 115 17.75 2.78 -16.32
C ALA A 115 16.28 3.05 -16.01
N ASP A 116 15.99 3.83 -14.97
CA ASP A 116 14.58 4.08 -14.65
C ASP A 116 13.84 4.65 -15.85
N PHE A 117 14.53 5.49 -16.64
CA PHE A 117 13.87 6.19 -17.75
C PHE A 117 13.31 5.20 -18.76
N GLU A 118 13.93 4.03 -18.89
N GLU A 118 13.95 4.04 -18.91
CA GLU A 118 13.53 3.04 -19.87
CA GLU A 118 13.51 3.05 -19.89
C GLU A 118 12.20 2.38 -19.54
C GLU A 118 12.06 2.62 -19.66
N ASN A 119 11.55 2.78 -18.44
CA ASN A 119 10.26 2.27 -18.05
C ASN A 119 9.12 3.19 -18.42
N PHE A 120 9.42 4.33 -19.05
CA PHE A 120 8.41 5.33 -19.32
C PHE A 120 7.91 5.23 -20.75
N PRO A 121 6.60 5.16 -20.99
CA PRO A 121 6.08 5.28 -22.36
C PRO A 121 6.27 6.70 -22.90
N VAL A 122 7.44 6.96 -23.50
CA VAL A 122 7.75 8.25 -24.09
C VAL A 122 6.85 8.45 -25.31
N PRO A 123 6.00 9.46 -25.33
CA PRO A 123 5.01 9.55 -26.41
C PRO A 123 5.62 9.71 -27.80
N GLU A 124 6.73 10.45 -27.94
CA GLU A 124 7.34 10.67 -29.24
C GLU A 124 8.77 10.18 -29.25
N GLU A 125 9.16 9.51 -30.35
CA GLU A 125 10.53 9.03 -30.46
C GLU A 125 11.52 10.20 -30.54
N SER A 126 11.13 11.34 -31.11
CA SER A 126 12.09 12.44 -31.16
C SER A 126 12.48 12.94 -29.78
N TRP A 127 11.66 12.65 -28.77
CA TRP A 127 11.92 13.17 -27.43
C TRP A 127 13.20 12.62 -26.85
N LEU A 128 13.60 11.42 -27.27
CA LEU A 128 14.84 10.79 -26.84
C LEU A 128 16.09 11.57 -27.26
N ASP A 129 15.98 12.52 -28.17
CA ASP A 129 17.10 13.35 -28.61
C ASP A 129 17.06 14.75 -28.02
N ASP A 130 16.03 15.09 -27.26
CA ASP A 130 15.93 16.35 -26.55
C ASP A 130 16.52 16.23 -25.15
N PRO A 131 16.91 17.36 -24.56
CA PRO A 131 17.25 17.35 -23.14
C PRO A 131 16.02 17.12 -22.27
N TRP A 132 16.25 16.50 -21.12
CA TRP A 132 15.23 16.38 -20.08
C TRP A 132 15.80 16.92 -18.77
N ASP A 133 14.99 17.69 -18.06
CA ASP A 133 15.34 18.03 -16.70
C ASP A 133 14.95 16.88 -15.80
N VAL A 134 15.86 16.43 -14.96
CA VAL A 134 15.60 15.33 -14.04
C VAL A 134 15.85 15.84 -12.62
N GLN A 135 14.78 16.03 -11.85
CA GLN A 135 14.91 16.38 -10.44
C GLN A 135 15.18 15.13 -9.62
N CYS A 136 16.13 15.27 -8.70
CA CYS A 136 16.53 14.17 -7.86
C CYS A 136 16.35 14.57 -6.40
N HIS A 137 15.43 13.93 -5.68
CA HIS A 137 15.16 14.24 -4.28
C HIS A 137 15.59 13.08 -3.38
N GLN A 138 16.40 13.38 -2.37
CA GLN A 138 16.59 12.48 -1.24
C GLN A 138 15.70 12.95 -0.08
N PHE A 139 14.70 12.16 0.29
CA PHE A 139 13.75 12.50 1.35
C PHE A 139 13.92 11.52 2.50
N ARG A 140 14.09 12.04 3.71
CA ARG A 140 13.99 11.25 4.94
C ARG A 140 12.82 11.77 5.76
N ILE A 141 11.80 10.92 5.97
CA ILE A 141 10.64 11.26 6.78
C ILE A 141 10.83 10.69 8.18
N ILE A 142 10.75 11.55 9.18
CA ILE A 142 10.92 11.16 10.58
C ILE A 142 9.61 11.43 11.31
N SER A 143 9.14 10.41 12.02
CA SER A 143 8.03 10.54 12.97
C SER A 143 8.58 10.18 14.35
N THR A 144 8.79 11.21 15.20
CA THR A 144 9.32 11.19 16.55
C THR A 144 8.21 10.89 17.56
N PRO A 145 8.53 10.20 18.68
CA PRO A 145 7.50 9.85 19.66
C PRO A 145 6.76 11.06 20.24
N PRO A 153 -0.35 15.41 6.86
CA PRO A 153 0.01 14.78 5.57
C PRO A 153 -0.28 15.68 4.39
N GLU A 154 0.38 15.45 3.26
CA GLU A 154 0.02 16.13 2.02
C GLU A 154 -0.99 15.28 1.25
N GLY A 155 -1.98 15.95 0.65
CA GLY A 155 -3.03 15.28 -0.08
C GLY A 155 -2.66 14.95 -1.52
N PRO A 156 -3.64 14.45 -2.28
CA PRO A 156 -3.35 13.96 -3.65
C PRO A 156 -2.85 15.09 -4.53
N HIS A 157 -1.78 14.81 -5.28
CA HIS A 157 -1.09 15.83 -6.08
C HIS A 157 -0.36 15.15 -7.23
N ARG A 158 0.13 15.98 -8.15
CA ARG A 158 1.11 15.56 -9.15
C ARG A 158 2.40 16.29 -8.88
N ASP A 159 3.50 15.78 -9.42
CA ASP A 159 4.76 16.48 -9.18
C ASP A 159 5.09 17.51 -10.24
N GLU A 160 4.24 17.66 -11.28
CA GLU A 160 4.46 18.62 -12.38
C GLU A 160 5.73 18.26 -13.18
N VAL A 161 5.82 16.98 -13.55
CA VAL A 161 6.85 16.45 -14.43
C VAL A 161 6.13 15.55 -15.43
N ASP A 162 6.87 14.96 -16.36
CA ASP A 162 6.24 13.97 -17.24
C ASP A 162 6.17 12.60 -16.59
N PHE A 163 7.26 12.16 -15.97
CA PHE A 163 7.33 10.83 -15.38
C PHE A 163 8.07 10.87 -14.05
N GLY A 164 7.72 9.92 -13.17
CA GLY A 164 8.26 9.89 -11.83
C GLY A 164 8.77 8.50 -11.53
N VAL A 165 9.70 8.42 -10.59
CA VAL A 165 10.18 7.14 -10.06
C VAL A 165 10.55 7.34 -8.60
N ILE A 166 10.15 6.39 -7.76
CA ILE A 166 10.45 6.44 -6.35
C ILE A 166 11.03 5.09 -5.98
N HIS A 167 12.17 5.14 -5.32
CA HIS A 167 12.89 3.97 -4.83
C HIS A 167 12.88 4.06 -3.31
N LEU A 168 12.40 3.01 -2.65
CA LEU A 168 12.53 2.98 -1.19
C LEU A 168 13.96 2.66 -0.80
N MET A 169 14.61 3.56 -0.05
CA MET A 169 15.96 3.31 0.41
C MET A 169 15.99 2.63 1.75
N GLY A 170 15.08 3.01 2.64
CA GLY A 170 15.03 2.40 3.95
C GLY A 170 13.72 2.65 4.67
N ARG A 171 13.38 1.74 5.55
CA ARG A 171 12.22 1.84 6.42
C ARG A 171 12.62 1.35 7.80
N PHE A 172 12.38 2.16 8.81
CA PHE A 172 12.87 1.85 10.15
C PHE A 172 11.76 2.08 11.15
N ASN A 173 11.34 1.00 11.80
CA ASN A 173 10.32 1.06 12.85
C ASN A 173 9.05 1.72 12.31
N ALA A 174 8.72 1.44 11.06
CA ALA A 174 7.69 2.21 10.36
C ALA A 174 6.51 1.31 10.02
N ALA A 175 5.33 1.72 10.47
CA ALA A 175 4.07 1.23 9.94
C ALA A 175 3.43 2.35 9.14
N GLY A 176 2.39 2.03 8.38
CA GLY A 176 1.79 3.08 7.58
C GLY A 176 2.68 3.40 6.38
N GLY A 177 2.52 4.60 5.86
CA GLY A 177 3.30 4.99 4.69
C GLY A 177 2.89 4.31 3.41
N GLU A 178 1.60 4.08 3.24
CA GLU A 178 1.06 3.50 2.02
C GLU A 178 1.02 4.56 0.92
N SER A 179 1.44 4.22 -0.29
CA SER A 179 1.42 5.16 -1.40
C SER A 179 0.06 5.06 -2.07
N GLN A 180 -0.59 6.18 -2.32
CA GLN A 180 -1.93 6.18 -2.89
C GLN A 180 -1.88 6.70 -4.33
N VAL A 181 -2.52 5.98 -5.25
CA VAL A 181 -2.73 6.43 -6.62
C VAL A 181 -4.17 6.91 -6.77
N TYR A 182 -4.34 8.15 -7.20
CA TYR A 182 -5.65 8.76 -7.38
C TYR A 182 -5.90 9.06 -8.85
N SER A 183 -7.17 9.01 -9.25
CA SER A 183 -7.50 9.45 -10.60
C SER A 183 -7.43 10.97 -10.69
N LEU A 184 -7.52 11.47 -11.92
CA LEU A 184 -7.50 12.92 -12.09
C LEU A 184 -8.68 13.61 -11.43
N GLU A 185 -9.80 12.89 -11.22
CA GLU A 185 -10.96 13.34 -10.45
C GLU A 185 -10.78 13.13 -8.95
N ARG A 186 -9.54 13.08 -8.46
CA ARG A 186 -9.23 12.87 -7.04
C ARG A 186 -9.96 11.66 -6.43
N GLU A 187 -10.06 10.56 -7.17
CA GLU A 187 -10.65 9.33 -6.64
C GLU A 187 -9.58 8.26 -6.43
N LEU A 188 -9.66 7.58 -5.28
CA LEU A 188 -8.67 6.58 -4.91
C LEU A 188 -8.84 5.34 -5.78
N VAL A 189 -7.79 4.98 -6.51
CA VAL A 189 -7.82 3.89 -7.49
C VAL A 189 -6.87 2.76 -7.09
N ALA A 190 -5.75 3.10 -6.45
CA ALA A 190 -4.83 2.05 -6.02
C ALA A 190 -4.06 2.49 -4.78
N GLU A 191 -3.45 1.49 -4.15
CA GLU A 191 -2.69 1.69 -2.93
C GLU A 191 -1.80 0.48 -2.76
N PHE A 192 -0.54 0.71 -2.40
CA PHE A 192 0.50 -0.31 -2.36
C PHE A 192 1.54 0.11 -1.29
N CYS A 193 2.47 -0.78 -1.02
CA CYS A 193 3.41 -0.58 0.07
C CYS A 193 4.83 -0.82 -0.41
N LEU A 194 5.62 0.25 -0.46
CA LEU A 194 7.06 0.07 -0.52
C LEU A 194 7.53 -0.36 0.86
N THR A 195 8.00 -1.61 0.97
CA THR A 195 8.47 -2.16 2.24
C THR A 195 9.94 -2.53 2.26
N GLU A 196 10.48 -3.06 1.18
CA GLU A 196 11.87 -3.52 1.16
C GLU A 196 12.74 -2.54 0.40
N GLN A 197 14.02 -2.52 0.74
CA GLN A 197 14.96 -1.64 0.06
C GLN A 197 14.99 -1.91 -1.44
N MET A 198 14.90 -0.82 -2.23
CA MET A 198 14.83 -0.74 -3.68
C MET A 198 13.48 -1.17 -4.27
N ASP A 199 12.46 -1.42 -3.42
CA ASP A 199 11.09 -1.47 -3.91
C ASP A 199 10.83 -0.18 -4.67
N THR A 200 10.19 -0.31 -5.83
CA THR A 200 10.23 0.78 -6.80
C THR A 200 8.86 0.99 -7.40
N MET A 201 8.56 2.24 -7.70
CA MET A 201 7.30 2.58 -8.33
C MET A 201 7.53 3.66 -9.38
N PHE A 202 7.08 3.39 -10.61
CA PHE A 202 7.14 4.34 -11.72
C PHE A 202 5.75 4.88 -12.00
N TRP A 203 5.65 6.17 -12.36
CA TRP A 203 4.33 6.69 -12.67
C TRP A 203 4.38 7.75 -13.77
N SER A 204 3.27 7.87 -14.48
CA SER A 204 3.05 8.95 -15.44
C SER A 204 2.36 10.10 -14.72
N ASP A 205 3.07 11.22 -14.60
CA ASP A 205 2.67 12.26 -13.66
C ASP A 205 1.49 13.11 -14.15
N GLY A 206 1.11 13.02 -15.42
CA GLY A 206 -0.03 13.80 -15.89
C GLY A 206 -1.26 12.94 -16.05
N GLN A 207 -1.09 11.64 -15.83
CA GLN A 207 -2.11 10.64 -16.00
C GLN A 207 -2.79 10.23 -14.69
N ILE A 208 -2.13 10.46 -13.53
CA ILE A 208 -2.69 10.11 -12.23
C ILE A 208 -2.37 11.23 -11.24
N LEU A 209 -2.96 11.13 -10.07
CA LEU A 209 -2.53 11.90 -8.92
C LEU A 209 -1.98 10.93 -7.89
N HIS A 210 -1.25 11.44 -6.92
CA HIS A 210 -0.62 10.53 -5.98
C HIS A 210 -0.47 11.21 -4.64
N ALA A 211 -0.14 10.41 -3.63
CA ALA A 211 0.00 10.83 -2.25
C ALA A 211 0.61 9.67 -1.49
N VAL A 212 1.12 9.95 -0.31
CA VAL A 212 1.58 8.90 0.58
C VAL A 212 0.99 9.13 1.97
N ARG A 213 0.56 8.05 2.60
CA ARG A 213 0.03 8.15 3.95
C ARG A 213 1.15 8.42 4.94
N PRO A 214 0.82 8.98 6.10
CA PRO A 214 1.86 9.19 7.12
C PRO A 214 2.40 7.86 7.61
N ILE A 215 3.61 7.90 8.08
CA ILE A 215 4.19 6.79 8.83
C ILE A 215 3.85 6.97 10.30
N HIS A 216 3.79 5.87 11.03
CA HIS A 216 3.74 5.94 12.48
C HIS A 216 4.68 4.84 13.02
N PRO A 217 5.19 5.05 14.23
CA PRO A 217 6.16 4.06 14.76
C PRO A 217 5.48 2.77 15.20
N VAL A 218 6.17 1.67 14.92
CA VAL A 218 5.74 0.37 15.42
C VAL A 218 5.96 0.30 16.92
N ASP A 219 7.23 0.35 17.34
CA ASP A 219 7.60 0.63 18.72
C ASP A 219 7.41 2.11 18.97
N PRO A 220 6.41 2.51 19.76
CA PRO A 220 6.12 3.94 19.93
C PRO A 220 7.16 4.70 20.73
N THR A 221 8.11 4.02 21.39
CA THR A 221 9.13 4.73 22.13
C THR A 221 10.24 5.26 21.23
N LYS A 222 10.31 4.80 20.00
CA LYS A 222 11.35 5.18 19.06
C LYS A 222 10.73 5.80 17.82
N ALA A 223 11.55 6.59 17.12
CA ALA A 223 11.06 7.23 15.90
C ALA A 223 10.85 6.20 14.81
N ALA A 224 9.87 6.47 13.97
CA ALA A 224 9.72 5.77 12.69
C ALA A 224 10.39 6.61 11.61
N VAL A 225 11.16 5.95 10.74
CA VAL A 225 11.93 6.62 9.69
C VAL A 225 11.71 5.93 8.34
N ARG A 226 11.47 6.71 7.29
CA ARG A 226 11.24 6.22 5.94
C ARG A 226 12.10 7.00 4.94
N ASP A 227 13.02 6.31 4.24
CA ASP A 227 13.98 6.92 3.31
C ASP A 227 13.59 6.58 1.87
N VAL A 228 13.34 7.59 1.04
CA VAL A 228 12.95 7.37 -0.35
C VAL A 228 13.79 8.26 -1.27
N LEU A 229 14.16 7.70 -2.43
CA LEU A 229 14.76 8.46 -3.52
C LEU A 229 13.69 8.68 -4.56
N ILE A 230 13.48 9.94 -4.95
CA ILE A 230 12.46 10.28 -5.92
C ILE A 230 13.11 11.00 -7.09
N MET A 231 12.77 10.59 -8.31
CA MET A 231 13.22 11.33 -9.49
C MET A 231 12.04 11.71 -10.38
N GLY A 232 12.09 12.93 -10.91
CA GLY A 232 11.02 13.42 -11.78
C GLY A 232 11.54 13.88 -13.13
N TYR A 233 11.08 13.25 -14.21
CA TYR A 233 11.61 13.49 -15.55
C TYR A 233 10.66 14.42 -16.30
N LYS A 234 11.16 15.57 -16.71
CA LYS A 234 10.40 16.55 -17.47
C LYS A 234 11.08 16.78 -18.80
N HIS A 235 10.39 16.46 -19.89
CA HIS A 235 10.87 16.79 -21.23
C HIS A 235 11.10 18.30 -21.39
N GLU A 236 12.35 18.71 -21.62
CA GLU A 236 12.72 20.12 -21.76
C GLU A 236 13.48 20.38 -23.06
N PRO A 237 12.78 20.53 -24.18
CA PRO A 237 13.49 20.70 -25.47
C PRO A 237 14.23 22.03 -25.61
N GLU A 238 13.89 23.04 -24.84
CA GLU A 238 14.60 24.32 -24.89
C GLU A 238 15.80 24.38 -23.97
N LEU A 239 15.96 23.41 -23.06
CA LEU A 239 17.05 23.47 -22.09
C LEU A 239 18.40 23.33 -22.78
N ARG A 240 19.34 24.19 -22.41
CA ARG A 240 20.68 24.19 -22.98
C ARG A 240 21.69 23.73 -21.93
N ARG A 241 22.88 23.32 -22.39
CA ARG A 241 23.91 22.90 -21.44
C ARG A 241 24.33 24.09 -20.57
N GLU A 242 24.73 23.78 -19.35
CA GLU A 242 25.22 24.75 -18.38
C GLU A 242 26.56 24.27 -17.86
N GLU A 243 27.30 25.17 -17.21
CA GLU A 243 28.61 24.79 -16.71
C GLU A 243 28.49 23.86 -15.49
N GLN A 244 29.45 22.96 -15.38
CA GLN A 244 29.46 21.88 -14.39
C GLN A 244 30.87 21.65 -13.85
N THR B 3 5.58 -18.97 12.45
CA THR B 3 4.80 -18.27 13.46
C THR B 3 3.46 -18.96 13.74
N GLU B 4 2.86 -18.61 14.88
CA GLU B 4 1.70 -19.32 15.41
C GLU B 4 0.59 -19.45 14.36
N ALA B 5 0.03 -18.31 13.93
CA ALA B 5 -1.18 -18.36 13.12
C ALA B 5 -0.99 -19.16 11.83
N ARG B 6 0.20 -19.08 11.24
CA ARG B 6 0.46 -19.84 10.02
C ARG B 6 0.52 -21.34 10.31
N GLU B 7 1.17 -21.73 11.43
CA GLU B 7 1.26 -23.15 11.78
C GLU B 7 -0.10 -23.76 11.98
N GLU B 8 -0.98 -23.05 12.65
CA GLU B 8 -2.25 -23.62 13.09
C GLU B 8 -3.17 -23.91 11.91
N LEU B 9 -3.26 -23.00 10.94
CA LEU B 9 -4.08 -23.28 9.76
C LEU B 9 -3.51 -24.41 8.93
N ARG B 10 -2.20 -24.66 9.03
CA ARG B 10 -1.65 -25.84 8.37
C ARG B 10 -2.14 -27.12 9.04
N ALA B 11 -2.15 -27.14 10.38
CA ALA B 11 -2.57 -28.33 11.11
C ALA B 11 -4.09 -28.45 11.17
N ASN B 12 -4.75 -27.44 11.75
CA ASN B 12 -6.16 -27.57 12.11
C ASN B 12 -7.13 -27.00 11.08
N GLY B 13 -6.70 -26.08 10.23
CA GLY B 13 -7.62 -25.42 9.33
C GLY B 13 -8.25 -24.15 9.87
N TYR B 14 -7.79 -23.68 11.02
CA TYR B 14 -8.36 -22.47 11.61
C TYR B 14 -7.49 -22.04 12.78
N SER B 15 -7.48 -20.73 13.04
CA SER B 15 -6.73 -20.18 14.15
C SER B 15 -7.52 -19.04 14.75
N LEU B 16 -7.37 -18.85 16.05
CA LEU B 16 -8.07 -17.80 16.76
C LEU B 16 -7.07 -16.72 17.15
N LEU B 17 -7.57 -15.50 17.25
CA LEU B 17 -6.73 -14.36 17.62
C LEU B 17 -7.60 -13.36 18.34
N PRO B 18 -7.87 -13.57 19.63
CA PRO B 18 -8.73 -12.64 20.37
C PRO B 18 -8.07 -11.28 20.51
N ALA B 19 -8.91 -10.26 20.66
CA ALA B 19 -8.43 -8.90 20.80
C ALA B 19 -7.52 -8.73 22.00
N ASP B 20 -7.75 -9.51 23.06
CA ASP B 20 -6.89 -9.48 24.23
C ASP B 20 -5.42 -9.58 23.84
N ARG B 21 -5.10 -10.48 22.90
CA ARG B 21 -3.72 -10.68 22.45
C ARG B 21 -3.30 -9.70 21.37
N LEU B 22 -4.06 -8.63 21.14
CA LEU B 22 -3.68 -7.58 20.21
C LEU B 22 -3.34 -6.33 21.01
N VAL B 23 -2.39 -5.56 20.50
CA VAL B 23 -1.97 -4.30 21.11
C VAL B 23 -2.71 -3.18 20.41
N ILE B 24 -3.63 -2.52 21.12
CA ILE B 24 -4.49 -1.50 20.54
C ILE B 24 -4.11 -0.12 21.07
N ASP B 25 -3.38 0.64 20.25
CA ASP B 25 -3.00 2.00 20.60
C ASP B 25 -4.18 2.94 20.42
N ALA B 26 -3.97 4.21 20.77
CA ALA B 26 -5.04 5.20 20.69
C ALA B 26 -5.48 5.44 19.25
N GLU B 27 -4.53 5.49 18.33
CA GLU B 27 -4.86 5.66 16.91
C GLU B 27 -5.67 4.48 16.40
N LEU B 28 -5.09 3.27 16.46
CA LEU B 28 -5.83 2.08 16.09
C LEU B 28 -7.17 2.02 16.81
N ARG B 29 -7.19 2.34 18.10
CA ARG B 29 -8.44 2.48 18.84
C ARG B 29 -9.45 3.30 18.06
N GLN B 30 -9.06 4.51 17.62
CA GLN B 30 -10.01 5.41 16.98
C GLN B 30 -10.29 4.98 15.54
N HIS B 31 -9.35 4.29 14.89
CA HIS B 31 -9.64 3.78 13.55
C HIS B 31 -10.60 2.59 13.61
N VAL B 32 -10.55 1.80 14.69
CA VAL B 32 -11.56 0.77 14.89
C VAL B 32 -12.90 1.41 15.24
N LYS B 33 -12.88 2.44 16.09
CA LYS B 33 -14.13 3.10 16.48
C LYS B 33 -14.87 3.62 15.25
N GLU B 34 -14.14 4.22 14.31
CA GLU B 34 -14.71 4.76 13.08
C GLU B 34 -15.12 3.67 12.11
N LEU B 35 -14.27 2.66 11.92
CA LEU B 35 -14.62 1.55 11.05
C LEU B 35 -15.84 0.80 11.56
N ALA B 36 -15.93 0.62 12.89
CA ALA B 36 -17.05 -0.13 13.46
C ALA B 36 -18.34 0.67 13.45
N ALA B 37 -18.24 2.00 13.48
CA ALA B 37 -19.44 2.83 13.40
C ALA B 37 -20.17 2.68 12.08
N GLU B 38 -19.48 2.23 11.03
CA GLU B 38 -20.11 2.06 9.72
C GLU B 38 -21.22 1.03 9.73
N TRP B 39 -21.21 0.08 10.67
CA TRP B 39 -22.20 -0.99 10.66
C TRP B 39 -23.60 -0.50 10.95
N GLU B 40 -23.74 0.71 11.50
CA GLU B 40 -25.05 1.34 11.67
C GLU B 40 -25.68 1.80 10.37
N ASN B 41 -25.05 1.55 9.23
CA ASN B 41 -25.47 2.15 7.98
C ASN B 41 -25.28 1.19 6.82
N LEU B 42 -25.88 0.02 6.97
CA LEU B 42 -25.92 -1.00 5.93
C LEU B 42 -27.36 -1.15 5.46
N GLU B 43 -27.52 -1.58 4.20
CA GLU B 43 -28.82 -1.77 3.59
C GLU B 43 -29.30 -3.20 3.81
N THR B 44 -30.62 -3.36 3.82
CA THR B 44 -31.24 -4.65 4.14
C THR B 44 -31.09 -5.62 2.97
N ASP B 45 -31.45 -6.87 3.22
CA ASP B 45 -31.45 -7.93 2.22
C ASP B 45 -30.09 -8.07 1.56
N PHE B 54 -33.20 -10.79 10.05
CA PHE B 54 -32.86 -9.55 9.35
C PHE B 54 -31.33 -9.39 9.21
N ARG B 55 -30.88 -9.02 8.01
CA ARG B 55 -29.44 -8.89 7.73
C ARG B 55 -29.18 -7.62 6.94
N GLU B 56 -28.31 -6.77 7.46
CA GLU B 56 -27.87 -5.54 6.80
C GLU B 56 -26.42 -5.71 6.35
N ARG B 57 -26.13 -5.34 5.11
CA ARG B 57 -24.83 -5.68 4.58
C ARG B 57 -24.31 -4.61 3.62
N ALA B 58 -22.99 -4.66 3.41
CA ALA B 58 -22.27 -3.87 2.42
C ALA B 58 -21.13 -4.73 1.88
N TYR B 59 -20.71 -4.46 0.64
CA TYR B 59 -19.88 -5.42 -0.06
C TYR B 59 -19.07 -4.76 -1.17
N ASP B 60 -17.81 -5.20 -1.32
CA ASP B 60 -16.97 -4.82 -2.44
C ASP B 60 -15.85 -5.84 -2.57
N ARG B 61 -15.18 -5.79 -3.72
CA ARG B 61 -14.07 -6.67 -4.01
C ARG B 61 -12.81 -5.85 -4.30
N PHE B 62 -11.67 -6.46 -4.03
CA PHE B 62 -10.38 -5.80 -4.18
C PHE B 62 -9.44 -6.64 -5.01
N PHE B 63 -8.74 -5.98 -5.91
CA PHE B 63 -7.58 -6.54 -6.59
C PHE B 63 -6.38 -6.42 -5.66
N PHE B 64 -5.71 -7.53 -5.38
CA PHE B 64 -4.69 -7.56 -4.33
C PHE B 64 -3.46 -8.32 -4.80
N VAL B 65 -2.28 -7.76 -4.56
CA VAL B 65 -1.02 -8.48 -4.79
C VAL B 65 -0.15 -8.42 -3.54
N PRO B 66 0.10 -9.54 -2.89
CA PRO B 66 0.78 -9.47 -1.60
C PRO B 66 2.20 -8.92 -1.66
N ARG B 67 2.99 -9.29 -2.68
N ARG B 67 3.00 -9.29 -2.67
CA ARG B 67 4.39 -8.87 -2.73
CA ARG B 67 4.40 -8.86 -2.65
C ARG B 67 4.53 -7.37 -2.69
C ARG B 67 4.53 -7.34 -2.65
N THR B 68 3.67 -6.65 -3.41
CA THR B 68 3.68 -5.21 -3.44
C THR B 68 2.65 -4.59 -2.51
N GLY B 69 1.72 -5.39 -1.97
CA GLY B 69 0.63 -4.83 -1.22
C GLY B 69 -0.36 -4.03 -2.03
N GLU B 70 -0.31 -4.17 -3.36
CA GLU B 70 -1.22 -3.43 -4.22
C GLU B 70 -2.67 -3.81 -3.93
N VAL B 71 -3.53 -2.81 -3.73
CA VAL B 71 -4.95 -3.01 -3.54
C VAL B 71 -5.69 -2.04 -4.43
N ARG B 72 -6.66 -2.54 -5.19
CA ARG B 72 -7.47 -1.75 -6.12
C ARG B 72 -8.94 -2.09 -5.87
N LEU B 73 -9.77 -1.06 -5.68
CA LEU B 73 -11.21 -1.26 -5.55
C LEU B 73 -11.78 -1.68 -6.90
N ARG B 74 -12.23 -2.96 -6.99
CA ARG B 74 -12.85 -3.45 -8.22
C ARG B 74 -14.24 -2.85 -8.41
N PRO B 75 -14.69 -2.71 -9.66
CA PRO B 75 -16.01 -2.10 -9.88
C PRO B 75 -17.10 -2.98 -9.27
N HIS B 76 -18.10 -2.32 -8.68
CA HIS B 76 -19.03 -2.99 -7.79
C HIS B 76 -20.05 -3.82 -8.57
N ARG B 77 -20.03 -5.13 -8.36
CA ARG B 77 -20.95 -6.07 -9.01
C ARG B 77 -21.72 -6.87 -7.96
N PRO B 78 -23.01 -6.52 -7.68
CA PRO B 78 -23.90 -7.30 -6.80
C PRO B 78 -24.14 -8.74 -7.29
N VAL B 96 -26.38 -6.15 -3.37
CA VAL B 96 -25.79 -5.66 -2.12
C VAL B 96 -25.27 -4.23 -2.30
N ALA B 97 -25.23 -3.49 -1.24
CA ALA B 97 -24.75 -2.12 -1.40
C ALA B 97 -23.23 -2.06 -1.33
N PRO B 98 -22.61 -1.07 -1.98
CA PRO B 98 -21.15 -0.93 -1.89
C PRO B 98 -20.72 -0.36 -0.55
N LEU B 99 -19.47 -0.64 -0.17
CA LEU B 99 -18.93 -0.09 1.06
C LEU B 99 -18.98 1.43 1.02
N SER B 100 -19.27 2.03 2.17
CA SER B 100 -19.43 3.48 2.24
C SER B 100 -18.11 4.19 1.92
N ARG B 101 -18.23 5.48 1.59
N ARG B 101 -18.24 5.47 1.59
CA ARG B 101 -17.05 6.27 1.28
CA ARG B 101 -17.07 6.28 1.28
C ARG B 101 -16.14 6.40 2.49
C ARG B 101 -16.14 6.42 2.49
N THR B 102 -16.71 6.47 3.69
CA THR B 102 -15.87 6.60 4.89
C THR B 102 -15.18 5.30 5.23
N THR B 103 -15.91 4.17 5.11
CA THR B 103 -15.29 2.86 5.23
C THR B 103 -14.03 2.79 4.36
N LEU B 104 -14.22 2.97 3.06
CA LEU B 104 -13.12 2.87 2.10
C LEU B 104 -12.01 3.88 2.35
N ALA B 105 -12.32 5.02 2.98
CA ALA B 105 -11.29 6.00 3.29
C ALA B 105 -10.48 5.60 4.52
N ASN B 106 -11.06 4.79 5.40
CA ASN B 106 -10.40 4.41 6.64
C ASN B 106 -9.17 3.55 6.36
N PRO B 107 -7.98 3.98 6.76
CA PRO B 107 -6.78 3.18 6.45
C PRO B 107 -6.78 1.80 7.06
N LEU B 108 -7.63 1.55 8.06
CA LEU B 108 -7.62 0.23 8.73
C LEU B 108 -8.17 -0.88 7.84
N LEU B 109 -9.07 -0.56 6.91
CA LEU B 109 -9.61 -1.56 6.00
C LEU B 109 -8.51 -2.29 5.23
N THR B 110 -7.70 -1.55 4.46
CA THR B 110 -6.67 -2.23 3.69
C THR B 110 -5.49 -2.65 4.54
N ARG B 111 -5.24 -1.98 5.66
CA ARG B 111 -4.20 -2.48 6.57
C ARG B 111 -4.61 -3.82 7.16
N LEU B 112 -5.86 -3.94 7.61
CA LEU B 112 -6.38 -5.26 7.99
C LEU B 112 -6.23 -6.24 6.85
N LEU B 113 -6.70 -5.86 5.66
CA LEU B 113 -6.58 -6.74 4.50
C LEU B 113 -5.18 -7.29 4.35
N ARG B 114 -4.17 -6.40 4.40
CA ARG B 114 -2.80 -6.85 4.15
C ARG B 114 -2.30 -7.67 5.32
N ALA B 115 -2.48 -7.15 6.53
CA ALA B 115 -1.98 -7.84 7.72
C ALA B 115 -2.61 -9.23 7.86
N ASP B 116 -3.93 -9.31 7.69
CA ASP B 116 -4.62 -10.60 7.74
C ASP B 116 -3.92 -11.62 6.86
N PHE B 117 -3.59 -11.23 5.62
CA PHE B 117 -3.09 -12.18 4.65
C PHE B 117 -1.80 -12.86 5.10
N GLU B 118 -0.94 -12.17 5.82
CA GLU B 118 0.31 -12.79 6.27
C GLU B 118 0.08 -14.02 7.15
N ASN B 119 -1.10 -14.16 7.77
CA ASN B 119 -1.40 -15.29 8.64
C ASN B 119 -1.84 -16.52 7.87
N PHE B 120 -1.79 -16.49 6.53
CA PHE B 120 -2.31 -17.60 5.73
C PHE B 120 -1.18 -18.47 5.21
N PRO B 121 -1.26 -19.78 5.35
CA PRO B 121 -0.24 -20.64 4.75
C PRO B 121 -0.38 -20.75 3.24
N VAL B 122 0.26 -19.87 2.48
CA VAL B 122 0.18 -19.95 1.02
C VAL B 122 1.04 -21.11 0.53
N PRO B 123 0.56 -21.97 -0.37
CA PRO B 123 1.34 -23.16 -0.73
C PRO B 123 2.58 -22.88 -1.55
N GLU B 124 2.59 -21.80 -2.34
CA GLU B 124 3.71 -21.48 -3.22
C GLU B 124 4.04 -20.00 -3.13
N GLU B 125 5.31 -19.70 -2.84
CA GLU B 125 5.74 -18.31 -2.76
C GLU B 125 5.39 -17.56 -4.03
N SER B 126 5.35 -18.24 -5.17
CA SER B 126 4.98 -17.59 -6.42
C SER B 126 3.59 -16.94 -6.35
N TRP B 127 2.65 -17.56 -5.65
CA TRP B 127 1.33 -16.97 -5.52
C TRP B 127 1.38 -15.59 -4.88
N LEU B 128 2.44 -15.30 -4.12
CA LEU B 128 2.59 -13.96 -3.58
C LEU B 128 2.73 -12.90 -4.68
N ASP B 129 3.13 -13.30 -5.89
CA ASP B 129 3.24 -12.41 -7.03
C ASP B 129 2.07 -12.52 -8.00
N ASP B 130 1.05 -13.35 -7.69
CA ASP B 130 -0.10 -13.39 -8.60
C ASP B 130 -1.25 -12.56 -8.03
N PRO B 131 -2.18 -12.10 -8.85
CA PRO B 131 -3.32 -11.34 -8.30
C PRO B 131 -4.21 -12.21 -7.41
N TRP B 132 -4.92 -11.54 -6.52
CA TRP B 132 -5.89 -12.16 -5.62
C TRP B 132 -7.20 -11.38 -5.65
N ASP B 133 -8.31 -12.11 -5.66
CA ASP B 133 -9.61 -11.47 -5.44
C ASP B 133 -9.92 -11.55 -3.95
N VAL B 134 -10.26 -10.42 -3.35
CA VAL B 134 -10.51 -10.33 -1.91
C VAL B 134 -11.90 -9.72 -1.72
N GLN B 135 -12.83 -10.51 -1.21
CA GLN B 135 -14.20 -10.05 -1.00
C GLN B 135 -14.30 -9.47 0.40
N CYS B 136 -14.68 -8.22 0.52
CA CYS B 136 -14.80 -7.56 1.80
C CYS B 136 -16.28 -7.39 2.14
N HIS B 137 -16.75 -8.07 3.18
CA HIS B 137 -18.16 -8.10 3.55
C HIS B 137 -18.39 -7.39 4.87
N GLN B 138 -19.20 -6.35 4.87
CA GLN B 138 -19.72 -5.78 6.11
C GLN B 138 -21.10 -6.39 6.35
N PHE B 139 -21.21 -7.21 7.39
CA PHE B 139 -22.48 -7.82 7.76
C PHE B 139 -22.92 -7.31 9.12
N ARG B 140 -24.18 -6.91 9.21
CA ARG B 140 -24.86 -6.76 10.50
C ARG B 140 -26.02 -7.75 10.57
N ILE B 141 -26.05 -8.54 11.64
CA ILE B 141 -27.14 -9.48 11.91
C ILE B 141 -28.04 -8.88 12.97
N ILE B 142 -29.35 -9.00 12.76
CA ILE B 142 -30.36 -8.42 13.65
C ILE B 142 -31.37 -9.49 14.01
N SER B 143 -31.52 -9.75 15.31
CA SER B 143 -32.45 -10.77 15.78
C SER B 143 -33.53 -10.17 16.67
N GLU B 154 -26.92 -22.06 10.41
CA GLU B 154 -26.54 -22.60 9.11
C GLU B 154 -25.88 -23.96 9.26
N GLY B 155 -25.91 -24.76 8.20
CA GLY B 155 -25.17 -25.99 8.17
C GLY B 155 -23.74 -25.74 7.73
N PRO B 156 -22.87 -26.75 7.91
CA PRO B 156 -21.48 -26.59 7.44
C PRO B 156 -21.45 -26.28 5.95
N HIS B 157 -20.67 -25.25 5.61
CA HIS B 157 -20.45 -24.88 4.22
C HIS B 157 -19.04 -24.34 4.11
N ARG B 158 -18.64 -23.98 2.90
CA ARG B 158 -17.42 -23.24 2.64
C ARG B 158 -17.76 -21.99 1.83
N ASP B 159 -17.00 -20.92 2.04
CA ASP B 159 -17.26 -19.67 1.36
C ASP B 159 -16.67 -19.63 -0.05
N GLU B 160 -16.15 -20.75 -0.55
CA GLU B 160 -15.66 -20.89 -1.93
C GLU B 160 -14.48 -19.97 -2.22
N VAL B 161 -13.66 -19.73 -1.20
CA VAL B 161 -12.41 -19.00 -1.35
C VAL B 161 -11.27 -19.90 -0.87
N ASP B 162 -10.04 -19.42 -0.98
CA ASP B 162 -8.90 -20.19 -0.52
C ASP B 162 -8.65 -19.97 0.97
N PHE B 163 -8.87 -18.74 1.44
CA PHE B 163 -8.66 -18.35 2.83
C PHE B 163 -9.68 -17.28 3.16
N GLY B 164 -10.11 -17.24 4.43
CA GLY B 164 -11.06 -16.23 4.87
C GLY B 164 -10.56 -15.57 6.14
N VAL B 165 -11.20 -14.47 6.53
CA VAL B 165 -10.95 -13.88 7.83
C VAL B 165 -12.22 -13.19 8.30
N ILE B 166 -12.53 -13.35 9.58
CA ILE B 166 -13.63 -12.62 10.22
C ILE B 166 -13.10 -11.88 11.43
N HIS B 167 -13.50 -10.61 11.57
CA HIS B 167 -13.22 -9.78 12.74
C HIS B 167 -14.54 -9.37 13.36
N LEU B 168 -14.75 -9.70 14.64
CA LEU B 168 -15.96 -9.29 15.35
C LEU B 168 -15.86 -7.79 15.62
N MET B 169 -16.75 -7.01 14.99
CA MET B 169 -16.73 -5.57 15.18
C MET B 169 -17.58 -5.13 16.35
N GLY B 170 -18.61 -5.89 16.70
CA GLY B 170 -19.48 -5.53 17.80
C GLY B 170 -20.48 -6.61 18.08
N ARG B 171 -20.96 -6.61 19.31
CA ARG B 171 -21.97 -7.56 19.75
C ARG B 171 -22.82 -6.83 20.76
N PHE B 172 -24.14 -6.88 20.59
CA PHE B 172 -25.05 -6.14 21.45
C PHE B 172 -26.27 -7.01 21.77
N ASN B 173 -26.43 -7.36 23.04
CA ASN B 173 -27.61 -8.07 23.53
C ASN B 173 -27.84 -9.37 22.75
N ALA B 174 -26.77 -10.15 22.62
CA ALA B 174 -26.81 -11.35 21.79
C ALA B 174 -26.26 -12.54 22.57
N ALA B 175 -27.04 -13.61 22.61
CA ALA B 175 -26.56 -14.92 23.02
C ALA B 175 -26.50 -15.83 21.79
N GLY B 176 -25.83 -16.97 21.95
CA GLY B 176 -25.61 -17.85 20.80
C GLY B 176 -24.65 -17.19 19.83
N GLY B 177 -24.79 -17.53 18.55
CA GLY B 177 -23.85 -16.98 17.59
C GLY B 177 -22.45 -17.54 17.71
N GLU B 178 -22.34 -18.82 18.02
CA GLU B 178 -21.04 -19.47 18.08
C GLU B 178 -20.50 -19.66 16.67
N SER B 179 -19.19 -19.59 16.55
CA SER B 179 -18.51 -19.97 15.31
C SER B 179 -18.15 -21.46 15.41
N GLN B 180 -18.38 -22.17 14.33
CA GLN B 180 -18.26 -23.63 14.33
C GLN B 180 -17.32 -24.04 13.22
N VAL B 181 -16.38 -24.91 13.56
CA VAL B 181 -15.53 -25.56 12.57
C VAL B 181 -15.99 -27.01 12.42
N TYR B 182 -16.20 -27.44 11.18
CA TYR B 182 -16.55 -28.81 10.84
C TYR B 182 -15.44 -29.43 10.00
N SER B 183 -15.50 -30.75 9.87
CA SER B 183 -14.62 -31.45 8.97
C SER B 183 -15.27 -31.51 7.59
N LEU B 184 -14.54 -32.02 6.61
CA LEU B 184 -15.19 -32.27 5.33
C LEU B 184 -16.20 -33.40 5.41
N GLU B 185 -16.22 -34.14 6.52
CA GLU B 185 -17.20 -35.17 6.79
C GLU B 185 -18.47 -34.63 7.43
N ARG B 186 -18.63 -33.30 7.45
CA ARG B 186 -19.76 -32.62 8.12
C ARG B 186 -19.84 -32.96 9.61
N GLU B 187 -18.69 -33.24 10.25
CA GLU B 187 -18.63 -33.57 11.67
C GLU B 187 -18.02 -32.39 12.41
N LEU B 188 -18.72 -31.89 13.43
CA LEU B 188 -18.24 -30.73 14.19
C LEU B 188 -16.96 -31.09 14.93
N VAL B 189 -15.89 -30.34 14.68
CA VAL B 189 -14.61 -30.57 15.34
C VAL B 189 -14.32 -29.54 16.43
N ALA B 190 -15.02 -28.41 16.44
CA ALA B 190 -14.72 -27.34 17.38
C ALA B 190 -15.85 -26.34 17.36
N GLU B 191 -15.96 -25.58 18.42
CA GLU B 191 -16.94 -24.52 18.49
C GLU B 191 -16.41 -23.46 19.44
N PHE B 192 -16.57 -22.20 19.05
CA PHE B 192 -16.07 -21.09 19.85
C PHE B 192 -16.93 -19.88 19.57
N CYS B 193 -16.71 -18.85 20.38
CA CYS B 193 -17.55 -17.66 20.41
C CYS B 193 -16.65 -16.45 20.27
N LEU B 194 -16.83 -15.67 19.20
CA LEU B 194 -16.23 -14.35 19.14
C LEU B 194 -17.07 -13.39 19.97
N THR B 195 -16.44 -12.73 20.90
CA THR B 195 -17.19 -11.95 21.87
C THR B 195 -16.73 -10.51 21.97
N GLU B 196 -15.44 -10.25 21.82
CA GLU B 196 -14.91 -8.91 21.96
C GLU B 196 -14.59 -8.28 20.61
N GLN B 197 -14.68 -6.95 20.56
CA GLN B 197 -14.34 -6.23 19.35
C GLN B 197 -12.91 -6.58 18.95
N MET B 198 -12.73 -6.88 17.66
CA MET B 198 -11.47 -7.23 17.01
C MET B 198 -11.08 -8.67 17.26
N ASP B 199 -11.83 -9.43 18.04
CA ASP B 199 -11.72 -10.88 18.00
C ASP B 199 -11.75 -11.35 16.55
N THR B 200 -10.85 -12.27 16.21
CA THR B 200 -10.55 -12.60 14.83
C THR B 200 -10.39 -14.10 14.70
N MET B 201 -10.76 -14.64 13.55
CA MET B 201 -10.62 -16.07 13.30
C MET B 201 -10.05 -16.26 11.90
N PHE B 202 -8.96 -17.05 11.80
CA PHE B 202 -8.41 -17.38 10.49
C PHE B 202 -8.78 -18.80 10.10
N TRP B 203 -9.04 -19.02 8.80
CA TRP B 203 -9.34 -20.39 8.38
C TRP B 203 -8.95 -20.60 6.92
N SER B 204 -8.67 -21.87 6.60
CA SER B 204 -8.39 -22.35 5.25
C SER B 204 -9.66 -22.96 4.69
N ASP B 205 -10.32 -22.23 3.79
CA ASP B 205 -11.67 -22.54 3.38
C ASP B 205 -11.80 -23.86 2.64
N GLY B 206 -10.69 -24.43 2.19
CA GLY B 206 -10.73 -25.69 1.47
C GLY B 206 -10.41 -26.87 2.34
N GLN B 207 -10.03 -26.62 3.58
CA GLN B 207 -9.73 -27.68 4.52
C GLN B 207 -10.93 -28.01 5.42
N ILE B 208 -11.65 -26.99 5.85
CA ILE B 208 -12.73 -27.14 6.81
C ILE B 208 -14.06 -26.70 6.18
N LEU B 209 -15.13 -26.97 6.90
CA LEU B 209 -16.42 -26.34 6.68
C LEU B 209 -16.76 -25.54 7.93
N HIS B 210 -17.58 -24.51 7.79
CA HIS B 210 -17.83 -23.64 8.92
C HIS B 210 -19.27 -23.16 8.89
N ALA B 211 -19.72 -22.67 10.05
CA ALA B 211 -21.03 -22.08 10.20
C ALA B 211 -21.05 -21.24 11.46
N VAL B 212 -22.14 -20.50 11.65
CA VAL B 212 -22.32 -19.68 12.84
C VAL B 212 -23.74 -19.90 13.36
N ARG B 213 -23.85 -20.19 14.66
CA ARG B 213 -25.16 -20.44 15.23
C ARG B 213 -25.96 -19.13 15.24
N PRO B 214 -27.28 -19.20 15.20
CA PRO B 214 -28.08 -17.98 15.21
C PRO B 214 -27.94 -17.26 16.54
N ILE B 215 -28.23 -15.97 16.52
CA ILE B 215 -28.23 -15.15 17.73
C ILE B 215 -29.68 -14.84 18.10
N HIS B 216 -29.92 -14.70 19.41
CA HIS B 216 -31.23 -14.32 19.92
C HIS B 216 -31.02 -13.34 21.05
N PRO B 217 -31.98 -12.45 21.31
CA PRO B 217 -31.77 -11.42 22.34
C PRO B 217 -31.78 -11.98 23.74
N VAL B 218 -30.96 -11.37 24.60
CA VAL B 218 -31.00 -11.69 26.03
C VAL B 218 -32.18 -11.01 26.70
N ASP B 219 -32.28 -9.70 26.55
CA ASP B 219 -33.48 -8.96 26.92
C ASP B 219 -34.51 -9.16 25.82
N PRO B 220 -35.58 -9.92 26.06
CA PRO B 220 -36.54 -10.19 24.98
C PRO B 220 -37.17 -8.95 24.37
N THR B 221 -36.98 -7.76 24.96
CA THR B 221 -37.60 -6.52 24.49
C THR B 221 -36.68 -5.73 23.57
N LYS B 222 -35.40 -6.03 23.59
CA LYS B 222 -34.45 -5.41 22.68
C LYS B 222 -33.98 -6.43 21.67
N ALA B 223 -33.42 -5.92 20.57
CA ALA B 223 -33.00 -6.78 19.48
C ALA B 223 -31.55 -7.20 19.71
N ALA B 224 -31.17 -8.34 19.15
CA ALA B 224 -29.77 -8.77 19.12
C ALA B 224 -29.08 -8.25 17.86
N VAL B 225 -27.90 -7.68 18.02
CA VAL B 225 -27.14 -7.15 16.88
C VAL B 225 -25.70 -7.64 16.97
N ARG B 226 -25.23 -8.29 15.91
CA ARG B 226 -23.88 -8.82 15.81
C ARG B 226 -23.25 -8.25 14.56
N ASP B 227 -22.17 -7.49 14.73
CA ASP B 227 -21.52 -6.77 13.63
C ASP B 227 -20.21 -7.46 13.28
N VAL B 228 -20.11 -7.95 12.04
CA VAL B 228 -19.01 -8.77 11.59
C VAL B 228 -18.40 -8.17 10.32
N LEU B 229 -17.07 -8.27 10.20
CA LEU B 229 -16.32 -7.92 9.00
C LEU B 229 -15.62 -9.18 8.50
N ILE B 230 -15.90 -9.59 7.28
CA ILE B 230 -15.31 -10.81 6.77
C ILE B 230 -14.71 -10.55 5.40
N MET B 231 -13.58 -11.19 5.15
CA MET B 231 -12.88 -11.07 3.87
C MET B 231 -12.52 -12.47 3.37
N GLY B 232 -12.80 -12.73 2.10
CA GLY B 232 -12.43 -13.97 1.47
C GLY B 232 -11.36 -13.71 0.40
N TYR B 233 -10.27 -14.46 0.50
CA TYR B 233 -9.12 -14.32 -0.37
C TYR B 233 -9.07 -15.51 -1.32
N LYS B 234 -9.06 -15.25 -2.63
CA LYS B 234 -8.95 -16.31 -3.64
C LYS B 234 -7.84 -15.96 -4.62
N HIS B 235 -6.89 -16.88 -4.77
CA HIS B 235 -5.79 -16.73 -5.72
C HIS B 235 -6.31 -16.74 -7.15
N GLU B 236 -5.99 -15.70 -7.91
CA GLU B 236 -6.51 -15.51 -9.27
C GLU B 236 -5.39 -15.02 -10.18
N PRO B 237 -4.53 -15.93 -10.65
CA PRO B 237 -3.37 -15.49 -11.45
C PRO B 237 -3.75 -14.79 -12.74
N GLU B 238 -4.94 -15.04 -13.28
CA GLU B 238 -5.35 -14.46 -14.55
C GLU B 238 -6.30 -13.28 -14.38
N LEU B 239 -6.45 -12.77 -13.16
CA LEU B 239 -7.24 -11.56 -12.96
C LEU B 239 -6.46 -10.36 -13.46
N ARG B 240 -7.17 -9.39 -14.07
CA ARG B 240 -6.56 -8.20 -14.63
C ARG B 240 -7.07 -6.96 -13.92
N ARG B 241 -6.29 -5.89 -14.01
CA ARG B 241 -6.71 -4.63 -13.43
C ARG B 241 -7.89 -4.07 -14.24
N GLU B 242 -8.81 -3.41 -13.53
CA GLU B 242 -10.04 -2.87 -14.12
C GLU B 242 -10.07 -1.36 -13.96
N GLU B 243 -10.36 -0.66 -15.05
CA GLU B 243 -10.36 0.80 -15.05
C GLU B 243 -11.76 1.36 -15.29
#